data_6BZ1
#
_entry.id   6BZ1
#
_cell.length_a   78.440
_cell.length_b   78.440
_cell.length_c   111.041
_cell.angle_alpha   90.00
_cell.angle_beta   90.00
_cell.angle_gamma   120.00
#
_symmetry.space_group_name_H-M   'P 32'
#
loop_
_entity.id
_entity.type
_entity.pdbx_description
1 polymer 'MEF2 CHIMERA'
2 polymer "DNA (5'-D(P*AP*AP*CP*TP*AP*TP*TP*TP*AP*TP*AP*AP*GP*A)-3')"
3 polymer "DNA (5'-D(P*TP*TP*CP*TP*TP*AP*TP*AP*AP*AP*TP*AP*GP*TP*T)-3')"
#
loop_
_entity_poly.entity_id
_entity_poly.type
_entity_poly.pdbx_seq_one_letter_code
_entity_poly.pdbx_strand_id
1 'polypeptide(L)'
;MGRKKIQITRIMDERNRQVTFTKRKFGLMKKAYELSVLCDCEIALIIFNSSNKLFQYASTDMDKVLLKYTEYSEPHESRT
NTVILETLKRREHRG
;
C,D,A,B
2 'polydeoxyribonucleotide' (DA)(DA)(DC)(DT)(DA)(DT)(DT)(DT)(DA)(DT)(DA)(DA)(DG)(DA) G,E
3 'polydeoxyribonucleotide' (DT)(DT)(DC)(DT)(DT)(DA)(DT)(DA)(DA)(DA)(DT)(DA)(DG)(DT)(DT) H,F
#
# COMPACT_ATOMS: atom_id res chain seq x y z
N GLY A 2 22.04 9.76 10.24
CA GLY A 2 22.70 9.86 11.57
C GLY A 2 23.78 8.82 11.80
N ARG A 3 24.93 9.25 12.35
CA ARG A 3 25.98 8.32 12.82
C ARG A 3 25.50 7.38 13.93
N LYS A 4 24.44 7.76 14.66
CA LYS A 4 23.73 6.85 15.55
C LYS A 4 22.23 6.97 15.35
N LYS A 5 21.52 5.89 15.66
CA LYS A 5 20.11 5.96 15.87
C LYS A 5 19.90 6.80 17.13
N ILE A 6 18.88 7.64 17.13
CA ILE A 6 18.50 8.38 18.33
C ILE A 6 17.03 8.13 18.64
N GLN A 7 16.69 8.17 19.92
CA GLN A 7 15.33 8.18 20.39
C GLN A 7 14.63 9.45 19.99
N ILE A 8 13.30 9.40 19.89
CA ILE A 8 12.46 10.58 19.70
C ILE A 8 11.87 10.97 21.05
N THR A 9 12.72 11.67 21.81
CA THR A 9 12.27 12.44 22.99
C THR A 9 13.07 13.73 23.01
N ARG A 10 12.62 14.67 23.81
CA ARG A 10 13.20 16.00 23.82
C ARG A 10 14.68 15.93 24.15
N ILE A 11 15.48 16.51 23.26
CA ILE A 11 16.93 16.61 23.46
C ILE A 11 17.17 17.51 24.66
N MET A 12 17.99 17.04 25.60
CA MET A 12 18.17 17.74 26.86
C MET A 12 19.29 18.77 26.75
N ASP A 13 20.41 18.41 26.12
CA ASP A 13 21.48 19.39 25.86
C ASP A 13 20.98 20.54 24.99
N GLU A 14 21.12 21.74 25.51
CA GLU A 14 20.60 22.96 24.89
C GLU A 14 21.17 23.17 23.50
N ARG A 15 22.48 23.15 23.38
CA ARG A 15 23.16 23.45 22.12
C ARG A 15 22.98 22.36 21.08
N ASN A 16 22.94 21.10 21.55
CA ASN A 16 22.54 19.99 20.70
C ASN A 16 21.12 20.20 20.17
N ARG A 17 20.21 20.60 21.06
CA ARG A 17 18.83 20.82 20.63
C ARG A 17 18.72 21.89 19.53
N GLN A 18 19.55 22.92 19.68
CA GLN A 18 19.54 24.03 18.74
C GLN A 18 20.09 23.65 17.37
N VAL A 19 21.20 22.91 17.34
CA VAL A 19 21.74 22.41 16.07
C VAL A 19 20.78 21.44 15.38
N THR A 20 20.31 20.44 16.14
CA THR A 20 19.34 19.49 15.61
C THR A 20 18.16 20.24 15.01
N PHE A 21 17.63 21.21 15.76
CA PHE A 21 16.54 22.05 15.29
C PHE A 21 16.84 22.65 13.93
N THR A 22 17.99 23.31 13.81
CA THR A 22 18.28 24.07 12.58
C THR A 22 18.36 23.17 11.37
N LYS A 23 19.06 22.06 11.49
CA LYS A 23 19.25 21.14 10.36
C LYS A 23 17.95 20.42 9.99
N ARG A 24 17.27 19.86 10.99
CA ARG A 24 16.05 19.11 10.73
C ARG A 24 14.94 19.98 10.13
N LYS A 25 14.84 21.23 10.61
CA LYS A 25 13.94 22.22 10.03
C LYS A 25 14.19 22.48 8.56
N PHE A 26 15.45 22.66 8.17
CA PHE A 26 15.76 22.80 6.74
C PHE A 26 15.31 21.56 5.97
N GLY A 27 15.61 20.38 6.51
CA GLY A 27 15.24 19.13 5.87
C GLY A 27 13.75 18.95 5.70
N LEU A 28 13.01 19.46 6.66
CA LEU A 28 11.56 19.36 6.71
C LEU A 28 10.88 20.32 5.72
N MET A 29 11.41 21.54 5.64
CA MET A 29 10.95 22.50 4.63
C MET A 29 11.32 21.98 3.24
N LYS A 30 12.51 21.40 3.13
CA LYS A 30 12.93 20.80 1.87
C LYS A 30 11.98 19.68 1.41
N LYS A 31 11.66 18.74 2.31
CA LYS A 31 10.68 17.68 1.98
C LYS A 31 9.29 18.21 1.69
N ALA A 32 8.93 19.33 2.31
CA ALA A 32 7.64 20.00 2.06
C ALA A 32 7.60 20.55 0.64
N TYR A 33 8.59 21.36 0.32
CA TYR A 33 8.80 21.85 -1.06
C TYR A 33 8.72 20.71 -2.09
N GLU A 34 9.43 19.61 -1.85
CA GLU A 34 9.43 18.49 -2.80
C GLU A 34 8.04 17.86 -2.94
N LEU A 35 7.37 17.62 -1.82
CA LEU A 35 5.99 17.15 -1.86
C LEU A 35 5.07 18.06 -2.70
N SER A 36 5.13 19.37 -2.46
CA SER A 36 4.28 20.33 -3.18
C SER A 36 4.52 20.31 -4.69
N VAL A 37 5.78 20.26 -5.09
CA VAL A 37 6.16 20.21 -6.51
C VAL A 37 5.75 18.87 -7.12
N LEU A 38 6.28 17.78 -6.56
CA LEU A 38 6.07 16.43 -7.12
C LEU A 38 4.59 16.06 -7.28
N CYS A 39 3.79 16.33 -6.26
CA CYS A 39 2.38 15.95 -6.21
C CYS A 39 1.36 17.08 -6.44
N ASP A 40 1.87 18.25 -6.85
CA ASP A 40 1.04 19.40 -7.19
C ASP A 40 0.04 19.72 -6.08
N CYS A 41 0.54 19.95 -4.87
CA CYS A 41 -0.31 20.29 -3.73
C CYS A 41 0.20 21.53 -3.00
N GLU A 42 -0.68 22.12 -2.20
CA GLU A 42 -0.45 23.37 -1.47
C GLU A 42 -0.15 23.14 0.02
N ILE A 43 1.05 23.51 0.44
CA ILE A 43 1.51 23.27 1.80
C ILE A 43 1.76 24.59 2.53
N ALA A 44 1.46 24.57 3.82
CA ALA A 44 1.81 25.65 4.74
C ALA A 44 2.34 24.99 5.99
N LEU A 45 3.52 25.42 6.43
CA LEU A 45 4.23 24.79 7.52
C LEU A 45 4.73 25.89 8.44
N ILE A 46 4.11 25.99 9.61
CA ILE A 46 4.44 26.97 10.62
C ILE A 46 5.15 26.27 11.76
N ILE A 47 6.34 26.76 12.12
CA ILE A 47 7.13 26.19 13.22
C ILE A 47 7.46 27.30 14.21
N PHE A 48 7.16 27.04 15.49
CA PHE A 48 7.58 27.89 16.57
C PHE A 48 8.59 27.11 17.38
N ASN A 49 9.84 27.58 17.46
CA ASN A 49 10.85 26.96 18.34
C ASN A 49 10.43 27.15 19.81
N SER A 50 11.09 26.41 20.69
CA SER A 50 10.78 26.46 22.13
C SER A 50 10.76 27.89 22.71
N SER A 51 11.60 28.80 22.16
CA SER A 51 11.62 30.25 22.52
C SER A 51 10.53 31.14 21.87
N ASN A 52 9.54 30.52 21.22
CA ASN A 52 8.46 31.21 20.49
C ASN A 52 8.88 32.10 19.32
N LYS A 53 10.01 31.79 18.69
CA LYS A 53 10.38 32.42 17.42
C LYS A 53 9.83 31.59 16.26
N LEU A 54 9.38 32.30 15.23
CA LEU A 54 8.60 31.69 14.15
C LEU A 54 9.48 31.45 12.94
N PHE A 55 9.20 30.36 12.23
CA PHE A 55 9.85 30.01 10.97
C PHE A 55 8.75 29.39 10.11
N GLN A 56 8.67 29.75 8.84
CA GLN A 56 7.56 29.29 8.00
C GLN A 56 7.96 28.89 6.57
N TYR A 57 7.15 27.99 6.00
CA TYR A 57 7.22 27.64 4.59
C TYR A 57 5.79 27.63 4.07
N ALA A 58 5.58 28.15 2.86
CA ALA A 58 4.32 27.96 2.19
C ALA A 58 4.57 27.92 0.70
N SER A 59 4.04 26.90 0.02
CA SER A 59 4.29 26.74 -1.41
C SER A 59 3.78 27.97 -2.18
N THR A 60 2.47 28.16 -2.17
CA THR A 60 1.86 29.29 -2.86
C THR A 60 1.99 30.60 -2.08
N ASP A 61 1.26 30.73 -0.98
CA ASP A 61 1.11 32.01 -0.29
C ASP A 61 0.40 31.76 1.03
N MET A 62 1.02 32.11 2.15
CA MET A 62 0.60 31.61 3.45
C MET A 62 -0.85 31.97 3.77
N ASP A 63 -1.22 33.24 3.57
CA ASP A 63 -2.56 33.71 3.91
C ASP A 63 -3.65 33.09 3.04
N LYS A 64 -3.31 32.83 1.76
CA LYS A 64 -4.16 32.03 0.87
C LYS A 64 -4.46 30.65 1.45
N VAL A 65 -3.41 29.93 1.85
CA VAL A 65 -3.55 28.56 2.32
C VAL A 65 -4.35 28.54 3.62
N LEU A 66 -4.03 29.47 4.54
CA LEU A 66 -4.71 29.55 5.84
C LEU A 66 -6.17 29.94 5.72
N LEU A 67 -6.50 30.76 4.72
CA LEU A 67 -7.88 31.12 4.47
C LEU A 67 -8.66 29.90 4.03
N LYS A 68 -8.10 29.19 3.05
CA LYS A 68 -8.66 27.93 2.53
C LYS A 68 -8.91 26.93 3.65
N TYR A 69 -7.96 26.86 4.58
CA TYR A 69 -8.05 26.00 5.76
C TYR A 69 -9.27 26.35 6.62
N THR A 70 -9.31 27.61 7.08
CA THR A 70 -10.33 28.05 8.04
C THR A 70 -11.75 27.93 7.49
N GLU A 71 -11.90 27.91 6.16
CA GLU A 71 -13.21 27.75 5.52
C GLU A 71 -13.57 26.29 5.24
N TYR A 72 -12.56 25.43 5.10
CA TYR A 72 -12.78 24.00 4.86
C TYR A 72 -13.68 23.38 5.94
N SER A 73 -14.85 22.87 5.53
CA SER A 73 -15.87 22.43 6.48
C SER A 73 -16.27 20.93 6.36
N GLU A 74 -15.35 20.09 5.87
CA GLU A 74 -15.62 18.65 5.80
C GLU A 74 -14.70 17.92 6.79
N PRO A 75 -15.09 16.69 7.19
CA PRO A 75 -14.13 15.87 7.95
C PRO A 75 -12.86 15.62 7.13
N HIS A 76 -11.70 15.47 7.78
CA HIS A 76 -10.45 15.27 7.04
C HIS A 76 -9.35 14.64 7.88
N GLU A 77 -8.32 14.14 7.22
CA GLU A 77 -7.23 13.50 7.94
C GLU A 77 -6.50 14.55 8.73
N SER A 78 -6.41 14.33 10.04
CA SER A 78 -5.72 15.19 10.96
C SER A 78 -4.98 14.30 11.91
N ARG A 79 -3.68 14.55 12.06
CA ARG A 79 -2.89 13.87 13.05
C ARG A 79 -2.25 14.88 13.96
N THR A 80 -1.78 14.36 15.08
CA THR A 80 -1.32 15.18 16.19
C THR A 80 -0.37 14.33 17.03
N ASN A 81 0.11 14.93 18.09
CA ASN A 81 0.96 14.27 19.04
C ASN A 81 0.10 13.91 20.24
N THR A 82 0.20 12.66 20.67
CA THR A 82 -0.34 12.27 21.98
C THR A 82 0.75 11.61 22.87
N VAL A 83 0.81 12.03 24.14
CA VAL A 83 1.79 11.54 25.10
C VAL A 83 1.28 10.23 25.73
N ILE A 84 2.16 9.23 25.77
CA ILE A 84 1.85 7.88 26.24
C ILE A 84 2.72 7.61 27.49
N LEU A 85 2.18 6.86 28.45
CA LEU A 85 3.00 6.33 29.57
C LEU A 85 3.68 5.08 29.07
N GLU A 86 4.95 4.88 29.45
CA GLU A 86 5.79 3.84 28.85
C GLU A 86 6.80 3.35 29.88
N THR A 87 7.00 2.03 29.94
CA THR A 87 8.09 1.42 30.74
C THR A 87 9.32 1.36 29.86
N LEU A 88 10.50 1.59 30.45
CA LEU A 88 11.77 1.66 29.73
C LEU A 88 12.35 0.26 29.56
N LYS A 89 13.53 0.14 28.93
CA LYS A 89 14.30 -1.12 28.92
C LYS A 89 15.08 -1.42 30.25
N ARG A 90 15.32 -2.72 30.48
CA ARG A 90 16.07 -3.33 31.60
C ARG A 90 17.27 -2.52 32.11
N ARG A 91 18.16 -2.17 31.17
CA ARG A 91 19.45 -1.52 31.47
C ARG A 91 20.35 -2.38 32.35
N GLY B 2 15.42 6.08 -2.71
CA GLY B 2 14.81 5.72 -4.01
C GLY B 2 15.67 4.78 -4.86
N ARG B 3 15.04 3.76 -5.48
CA ARG B 3 15.71 2.94 -6.51
C ARG B 3 16.21 3.74 -7.71
N LYS B 4 15.62 4.90 -7.96
CA LYS B 4 16.17 5.88 -8.90
C LYS B 4 16.18 7.27 -8.30
N LYS B 5 17.15 8.06 -8.73
CA LYS B 5 17.10 9.48 -8.52
C LYS B 5 15.91 9.99 -9.34
N ILE B 6 15.15 10.92 -8.78
CA ILE B 6 14.09 11.57 -9.54
C ILE B 6 14.31 13.07 -9.51
N GLN B 7 13.89 13.72 -10.59
CA GLN B 7 13.88 15.17 -10.74
C GLN B 7 12.77 15.69 -9.80
N ILE B 8 12.91 16.96 -9.38
CA ILE B 8 11.87 17.65 -8.62
C ILE B 8 11.07 18.53 -9.57
N THR B 9 10.16 17.88 -10.30
CA THR B 9 9.09 18.55 -11.05
C THR B 9 7.85 17.69 -10.92
N ARG B 10 6.71 18.28 -11.27
CA ARG B 10 5.43 17.64 -11.09
C ARG B 10 5.38 16.30 -11.79
N ILE B 11 5.04 15.27 -11.03
CA ILE B 11 4.84 13.92 -11.57
C ILE B 11 3.64 13.97 -12.51
N MET B 12 3.83 13.45 -13.72
CA MET B 12 2.82 13.56 -14.78
C MET B 12 1.83 12.41 -14.69
N ASP B 13 2.29 11.19 -14.48
CA ASP B 13 1.39 10.05 -14.26
C ASP B 13 0.52 10.27 -13.02
N GLU B 14 -0.80 10.23 -13.24
CA GLU B 14 -1.79 10.51 -12.21
C GLU B 14 -1.65 9.61 -11.00
N ARG B 15 -1.63 8.31 -11.25
CA ARG B 15 -1.63 7.29 -10.19
C ARG B 15 -0.30 7.26 -9.45
N ASN B 16 0.80 7.47 -10.18
CA ASN B 16 2.09 7.68 -9.57
C ASN B 16 2.07 8.91 -8.67
N ARG B 17 1.49 10.01 -9.14
CA ARG B 17 1.42 11.22 -8.32
C ARG B 17 0.69 10.99 -7.01
N GLN B 18 -0.37 10.19 -7.08
CA GLN B 18 -1.19 9.90 -5.93
C GLN B 18 -0.49 9.02 -4.91
N VAL B 19 0.20 7.98 -5.35
CA VAL B 19 1.01 7.12 -4.45
C VAL B 19 2.16 7.92 -3.82
N THR B 20 2.92 8.62 -4.65
CA THR B 20 4.01 9.46 -4.15
C THR B 20 3.47 10.41 -3.08
N PHE B 21 2.34 11.07 -3.38
CA PHE B 21 1.68 11.95 -2.42
C PHE B 21 1.44 11.25 -1.08
N THR B 22 0.82 10.07 -1.12
CA THR B 22 0.40 9.41 0.12
C THR B 22 1.60 9.06 1.00
N LYS B 23 2.64 8.49 0.39
CA LYS B 23 3.81 8.06 1.16
C LYS B 23 4.63 9.24 1.66
N ARG B 24 4.92 10.19 0.78
CA ARG B 24 5.73 11.34 1.15
C ARG B 24 5.07 12.19 2.24
N LYS B 25 3.74 12.34 2.14
CA LYS B 25 2.94 13.01 3.19
C LYS B 25 3.09 12.37 4.54
N PHE B 26 3.00 11.04 4.61
CA PHE B 26 3.25 10.34 5.88
C PHE B 26 4.65 10.62 6.41
N GLY B 27 5.64 10.55 5.50
CA GLY B 27 7.04 10.80 5.86
C GLY B 27 7.28 12.20 6.39
N LEU B 28 6.54 13.14 5.82
CA LEU B 28 6.65 14.55 6.14
C LEU B 28 6.01 14.89 7.50
N MET B 29 4.83 14.31 7.76
CA MET B 29 4.20 14.43 9.06
C MET B 29 5.07 13.74 10.11
N LYS B 30 5.64 12.59 9.74
CA LYS B 30 6.55 11.88 10.63
C LYS B 30 7.77 12.74 11.03
N LYS B 31 8.44 13.34 10.04
CA LYS B 31 9.57 14.23 10.33
C LYS B 31 9.16 15.48 11.13
N ALA B 32 7.92 15.94 10.93
CA ALA B 32 7.38 17.07 11.68
C ALA B 32 7.20 16.70 13.15
N TYR B 33 6.49 15.61 13.38
CA TYR B 33 6.36 15.03 14.74
C TYR B 33 7.74 14.90 15.42
N GLU B 34 8.73 14.33 14.72
CA GLU B 34 10.04 14.13 15.33
C GLU B 34 10.72 15.47 15.69
N LEU B 35 10.67 16.42 14.76
CA LEU B 35 11.16 17.77 15.05
C LEU B 35 10.52 18.38 16.30
N SER B 36 9.18 18.33 16.40
CA SER B 36 8.45 18.91 17.55
C SER B 36 8.87 18.28 18.88
N VAL B 37 9.00 16.95 18.90
CA VAL B 37 9.41 16.22 20.10
C VAL B 37 10.87 16.54 20.43
N LEU B 38 11.77 16.22 19.50
CA LEU B 38 13.22 16.37 19.73
C LEU B 38 13.63 17.77 20.19
N CYS B 39 13.12 18.79 19.52
CA CYS B 39 13.49 20.19 19.76
C CYS B 39 12.48 21.04 20.53
N ASP B 40 11.45 20.38 21.08
CA ASP B 40 10.43 21.03 21.91
C ASP B 40 9.88 22.26 21.22
N CYS B 41 9.33 22.08 20.02
CA CYS B 41 8.72 23.19 19.28
C CYS B 41 7.33 22.83 18.81
N GLU B 42 6.56 23.86 18.44
CA GLU B 42 5.17 23.77 18.00
C GLU B 42 5.03 23.89 16.46
N ILE B 43 4.54 22.83 15.84
CA ILE B 43 4.41 22.78 14.40
C ILE B 43 2.94 22.66 13.97
N ALA B 44 2.64 23.29 12.83
CA ALA B 44 1.35 23.19 12.19
C ALA B 44 1.65 23.03 10.70
N LEU B 45 1.02 22.04 10.08
CA LEU B 45 1.29 21.68 8.71
C LEU B 45 -0.03 21.40 8.02
N ILE B 46 -0.43 22.30 7.13
CA ILE B 46 -1.66 22.17 6.36
C ILE B 46 -1.30 21.80 4.93
N ILE B 47 -1.89 20.71 4.41
CA ILE B 47 -1.68 20.29 3.04
C ILE B 47 -3.02 20.19 2.33
N PHE B 48 -3.12 20.82 1.17
CA PHE B 48 -4.25 20.65 0.29
C PHE B 48 -3.74 19.95 -0.95
N ASN B 49 -4.23 18.73 -1.23
CA ASN B 49 -3.88 18.04 -2.47
C ASN B 49 -4.47 18.78 -3.66
N SER B 50 -4.02 18.43 -4.87
CA SER B 50 -4.48 19.13 -6.10
C SER B 50 -6.01 19.17 -6.24
N SER B 51 -6.72 18.15 -5.71
CA SER B 51 -8.22 18.11 -5.65
C SER B 51 -8.89 18.92 -4.51
N ASN B 52 -8.11 19.76 -3.82
CA ASN B 52 -8.57 20.57 -2.68
C ASN B 52 -9.08 19.81 -1.47
N LYS B 53 -8.60 18.58 -1.25
CA LYS B 53 -8.87 17.85 -0.01
C LYS B 53 -7.75 18.14 0.99
N LEU B 54 -8.14 18.28 2.26
CA LEU B 54 -7.24 18.77 3.29
C LEU B 54 -6.67 17.62 4.09
N PHE B 55 -5.41 17.78 4.52
CA PHE B 55 -4.73 16.84 5.42
C PHE B 55 -3.88 17.70 6.34
N GLN B 56 -3.90 17.42 7.64
CA GLN B 56 -3.20 18.31 8.59
C GLN B 56 -2.42 17.59 9.70
N TYR B 57 -1.40 18.27 10.18
CA TYR B 57 -0.65 17.84 11.36
C TYR B 57 -0.47 19.06 12.23
N ALA B 58 -0.65 18.89 13.54
CA ALA B 58 -0.28 19.95 14.46
C ALA B 58 0.14 19.29 15.76
N SER B 59 1.30 19.68 16.27
CA SER B 59 1.81 19.06 17.51
C SER B 59 0.81 19.29 18.65
N THR B 60 0.64 20.55 19.04
CA THR B 60 -0.29 20.89 20.13
C THR B 60 -1.76 20.90 19.68
N ASP B 61 -2.15 21.90 18.91
CA ASP B 61 -3.55 22.20 18.64
C ASP B 61 -3.60 23.26 17.55
N MET B 62 -4.22 22.95 16.42
CA MET B 62 -4.03 23.75 15.20
C MET B 62 -4.44 25.21 15.38
N ASP B 63 -5.60 25.45 15.98
CA ASP B 63 -6.10 26.82 16.14
C ASP B 63 -5.26 27.65 17.12
N LYS B 64 -4.71 26.99 18.14
CA LYS B 64 -3.70 27.60 19.01
C LYS B 64 -2.50 28.10 18.21
N VAL B 65 -1.93 27.23 17.39
CA VAL B 65 -0.71 27.56 16.65
C VAL B 65 -1.01 28.68 15.64
N LEU B 66 -2.13 28.58 14.93
CA LEU B 66 -2.52 29.58 13.93
C LEU B 66 -2.83 30.94 14.54
N LEU B 67 -3.36 30.95 15.76
CA LEU B 67 -3.61 32.20 16.48
C LEU B 67 -2.28 32.87 16.79
N LYS B 68 -1.36 32.09 17.37
CA LYS B 68 0.00 32.54 17.69
C LYS B 68 0.70 33.12 16.46
N TYR B 69 0.50 32.47 15.32
CA TYR B 69 1.02 32.92 14.03
C TYR B 69 0.51 34.31 13.68
N THR B 70 -0.81 34.43 13.59
CA THR B 70 -1.45 35.66 13.10
C THR B 70 -1.14 36.89 13.97
N GLU B 71 -0.76 36.65 15.22
CA GLU B 71 -0.39 37.73 16.14
C GLU B 71 1.11 38.04 16.14
N TYR B 72 1.93 37.07 15.75
CA TYR B 72 3.40 37.25 15.66
C TYR B 72 3.72 38.43 14.75
N SER B 73 4.37 39.47 15.29
CA SER B 73 4.59 40.72 14.56
C SER B 73 6.06 41.11 14.39
N GLU B 74 6.96 40.14 14.32
CA GLU B 74 8.39 40.39 14.10
C GLU B 74 8.79 39.84 12.75
N PRO B 75 9.90 40.34 12.16
CA PRO B 75 10.42 39.69 10.95
C PRO B 75 10.79 38.23 11.26
N HIS B 76 10.70 37.34 10.27
CA HIS B 76 11.03 35.92 10.52
C HIS B 76 11.35 35.16 9.26
N GLU B 77 11.97 34.01 9.42
CA GLU B 77 12.35 33.20 8.26
C GLU B 77 11.10 32.68 7.61
N SER B 78 10.94 32.98 6.33
CA SER B 78 9.80 32.56 5.53
C SER B 78 10.31 32.10 4.20
N ARG B 79 9.86 30.92 3.76
CA ARG B 79 10.13 30.46 2.44
C ARG B 79 8.85 30.18 1.70
N THR B 80 9.02 30.00 0.40
CA THR B 80 7.95 29.72 -0.51
C THR B 80 8.54 29.04 -1.73
N ASN B 81 7.67 28.76 -2.69
CA ASN B 81 8.08 28.17 -3.94
C ASN B 81 8.11 29.31 -4.96
N THR B 82 9.21 29.45 -5.68
CA THR B 82 9.25 30.34 -6.84
C THR B 82 9.73 29.59 -8.13
N VAL B 83 9.05 29.85 -9.25
CA VAL B 83 9.28 29.18 -10.51
C VAL B 83 10.42 29.85 -11.28
N ILE B 84 11.34 29.02 -11.79
CA ILE B 84 12.56 29.44 -12.47
C ILE B 84 12.48 28.90 -13.92
N LEU B 85 13.04 29.63 -14.89
CA LEU B 85 13.26 29.08 -16.24
C LEU B 85 14.55 28.27 -16.19
N GLU B 86 14.58 27.13 -16.89
CA GLU B 86 15.66 26.15 -16.79
C GLU B 86 15.95 25.53 -18.16
N THR B 87 17.24 25.38 -18.45
CA THR B 87 17.73 24.69 -19.64
C THR B 87 17.90 23.22 -19.31
N LEU B 88 17.85 22.40 -20.35
CA LEU B 88 18.07 20.95 -20.29
C LEU B 88 19.31 20.57 -21.10
N GLY E 2 -22.69 -14.45 1.34
CA GLY E 2 -24.00 -14.66 0.65
C GLY E 2 -25.19 -14.15 1.44
N ARG E 3 -26.25 -14.96 1.58
CA ARG E 3 -27.36 -14.65 2.49
C ARG E 3 -26.93 -14.53 3.96
N LYS E 4 -25.81 -15.13 4.32
CA LYS E 4 -25.16 -14.87 5.62
C LYS E 4 -23.67 -14.66 5.42
N LYS E 5 -23.09 -13.87 6.32
CA LYS E 5 -21.65 -13.87 6.46
C LYS E 5 -21.29 -15.25 7.01
N ILE E 6 -20.19 -15.81 6.54
CA ILE E 6 -19.70 -17.05 7.15
C ILE E 6 -18.25 -16.85 7.58
N GLN E 7 -17.90 -17.52 8.68
CA GLN E 7 -16.52 -17.66 9.14
C GLN E 7 -15.76 -18.53 8.18
N ILE E 8 -14.44 -18.36 8.17
CA ILE E 8 -13.51 -19.16 7.34
C ILE E 8 -12.90 -20.27 8.18
N THR E 9 -13.71 -21.29 8.42
CA THR E 9 -13.30 -22.53 9.08
C THR E 9 -14.07 -23.68 8.42
N ARG E 10 -13.59 -24.89 8.66
CA ARG E 10 -14.03 -26.04 7.93
C ARG E 10 -15.53 -26.25 8.09
N ILE E 11 -16.21 -26.33 6.94
CA ILE E 11 -17.64 -26.63 6.91
C ILE E 11 -17.84 -28.05 7.43
N MET E 12 -18.75 -28.19 8.39
CA MET E 12 -18.93 -29.46 9.10
C MET E 12 -19.89 -30.39 8.35
N ASP E 13 -21.02 -29.86 7.88
CA ASP E 13 -21.93 -30.65 7.04
C ASP E 13 -21.24 -31.12 5.76
N GLU E 14 -21.24 -32.44 5.57
CA GLU E 14 -20.55 -33.09 4.46
C GLU E 14 -21.01 -32.58 3.10
N ARG E 15 -22.32 -32.62 2.89
CA ARG E 15 -22.93 -32.28 1.61
C ARG E 15 -22.83 -30.79 1.30
N ASN E 16 -22.97 -29.97 2.34
CA ASN E 16 -22.68 -28.54 2.25
C ASN E 16 -21.24 -28.33 1.85
N ARG E 17 -20.30 -29.04 2.47
CA ARG E 17 -18.88 -28.88 2.13
C ARG E 17 -18.61 -29.18 0.65
N GLN E 18 -19.31 -30.20 0.15
CA GLN E 18 -19.13 -30.63 -1.23
C GLN E 18 -19.68 -29.63 -2.23
N VAL E 19 -20.87 -29.09 -1.98
CA VAL E 19 -21.45 -28.03 -2.83
C VAL E 19 -20.59 -26.76 -2.79
N THR E 20 -20.27 -26.30 -1.60
CA THR E 20 -19.40 -25.13 -1.43
C THR E 20 -18.12 -25.33 -2.23
N PHE E 21 -17.50 -26.51 -2.09
CA PHE E 21 -16.31 -26.86 -2.85
C PHE E 21 -16.52 -26.65 -4.35
N THR E 22 -17.58 -27.23 -4.89
CA THR E 22 -17.77 -27.24 -6.34
C THR E 22 -17.94 -25.81 -6.89
N LYS E 23 -18.76 -25.00 -6.22
CA LYS E 23 -19.02 -23.65 -6.68
C LYS E 23 -17.80 -22.73 -6.50
N ARG E 24 -17.21 -22.76 -5.32
CA ARG E 24 -16.06 -21.90 -5.04
C ARG E 24 -14.87 -22.21 -5.92
N LYS E 25 -14.64 -23.50 -6.20
CA LYS E 25 -13.62 -23.95 -7.16
C LYS E 25 -13.82 -23.36 -8.55
N PHE E 26 -15.05 -23.38 -9.06
CA PHE E 26 -15.33 -22.72 -10.34
C PHE E 26 -15.02 -21.24 -10.29
N GLY E 27 -15.44 -20.58 -9.19
CA GLY E 27 -15.21 -19.15 -9.00
C GLY E 27 -13.75 -18.80 -8.94
N LEU E 28 -12.96 -19.70 -8.37
CA LEU E 28 -11.54 -19.52 -8.19
C LEU E 28 -10.75 -19.69 -9.50
N MET E 29 -11.13 -20.72 -10.27
CA MET E 29 -10.57 -20.91 -11.61
C MET E 29 -10.98 -19.73 -12.49
N LYS E 30 -12.22 -19.28 -12.34
CA LYS E 30 -12.70 -18.12 -13.07
C LYS E 30 -11.87 -16.85 -12.79
N LYS E 31 -11.65 -16.55 -11.51
CA LYS E 31 -10.79 -15.41 -11.15
C LYS E 31 -9.34 -15.56 -11.59
N ALA E 32 -8.87 -16.81 -11.65
CA ALA E 32 -7.52 -17.12 -12.15
C ALA E 32 -7.42 -16.79 -13.64
N TYR E 33 -8.33 -17.36 -14.42
CA TYR E 33 -8.46 -17.03 -15.84
C TYR E 33 -8.49 -15.52 -16.07
N GLU E 34 -9.32 -14.79 -15.32
CA GLU E 34 -9.42 -13.34 -15.51
C GLU E 34 -8.10 -12.63 -15.21
N LEU E 35 -7.47 -12.99 -14.09
CA LEU E 35 -6.13 -12.47 -13.79
C LEU E 35 -5.12 -12.69 -14.92
N SER E 36 -5.04 -13.92 -15.45
CA SER E 36 -4.10 -14.26 -16.52
C SER E 36 -4.32 -13.43 -17.78
N VAL E 37 -5.59 -13.26 -18.18
CA VAL E 37 -5.95 -12.48 -19.35
C VAL E 37 -5.66 -11.00 -19.10
N LEU E 38 -6.31 -10.43 -18.09
CA LEU E 38 -6.20 -8.99 -17.80
C LEU E 38 -4.76 -8.48 -17.66
N CYS E 39 -3.95 -9.21 -16.89
CA CYS E 39 -2.59 -8.81 -16.57
C CYS E 39 -1.47 -9.55 -17.32
N ASP E 40 -1.85 -10.34 -18.32
CA ASP E 40 -0.91 -11.06 -19.17
C ASP E 40 0.10 -11.83 -18.34
N CYS E 41 -0.39 -12.72 -17.49
CA CYS E 41 0.48 -13.56 -16.66
C CYS E 41 0.10 -15.02 -16.76
N GLU E 42 1.04 -15.89 -16.36
CA GLU E 42 0.90 -17.36 -16.44
C GLU E 42 0.59 -18.00 -15.09
N ILE E 43 -0.58 -18.62 -15.00
CA ILE E 43 -1.05 -19.19 -13.75
C ILE E 43 -1.18 -20.72 -13.87
N ALA E 44 -0.88 -21.38 -12.75
CA ALA E 44 -1.11 -22.80 -12.59
C ALA E 44 -1.73 -22.97 -11.21
N LEU E 45 -2.83 -23.70 -11.15
CA LEU E 45 -3.65 -23.79 -9.95
C LEU E 45 -4.05 -25.24 -9.77
N ILE E 46 -3.42 -25.90 -8.79
CA ILE E 46 -3.65 -27.29 -8.47
C ILE E 46 -4.46 -27.37 -7.18
N ILE E 47 -5.57 -28.10 -7.22
CA ILE E 47 -6.43 -28.31 -6.05
C ILE E 47 -6.60 -29.80 -5.82
N PHE E 48 -6.37 -30.24 -4.59
CA PHE E 48 -6.68 -31.59 -4.17
C PHE E 48 -7.79 -31.49 -3.15
N ASN E 49 -8.95 -32.07 -3.44
CA ASN E 49 -10.04 -32.14 -2.44
C ASN E 49 -9.64 -33.04 -1.28
N SER E 50 -10.40 -32.97 -0.18
CA SER E 50 -10.08 -33.76 1.02
C SER E 50 -9.89 -35.26 0.75
N SER E 51 -10.59 -35.82 -0.27
CA SER E 51 -10.40 -37.23 -0.75
C SER E 51 -9.19 -37.49 -1.68
N ASN E 52 -8.29 -36.51 -1.81
CA ASN E 52 -7.12 -36.57 -2.71
C ASN E 52 -7.39 -36.72 -4.20
N LYS E 53 -8.53 -36.24 -4.65
CA LYS E 53 -8.82 -36.14 -6.10
C LYS E 53 -8.39 -34.76 -6.60
N LEU E 54 -7.83 -34.73 -7.79
CA LEU E 54 -7.15 -33.56 -8.32
C LEU E 54 -8.06 -32.80 -9.26
N PHE E 55 -7.93 -31.47 -9.26
CA PHE E 55 -8.62 -30.55 -10.18
C PHE E 55 -7.62 -29.46 -10.49
N GLN E 56 -7.52 -29.05 -11.75
CA GLN E 56 -6.48 -28.08 -12.14
C GLN E 56 -6.94 -27.00 -13.13
N TYR E 57 -6.23 -25.88 -13.09
CA TYR E 57 -6.33 -24.82 -14.10
C TYR E 57 -4.90 -24.42 -14.45
N ALA E 58 -4.65 -24.18 -15.73
CA ALA E 58 -3.41 -23.55 -16.12
C ALA E 58 -3.66 -22.72 -17.37
N SER E 59 -3.23 -21.46 -17.34
CA SER E 59 -3.48 -20.57 -18.49
C SER E 59 -2.85 -21.17 -19.76
N THR E 60 -1.51 -21.23 -19.77
CA THR E 60 -0.80 -21.75 -20.93
C THR E 60 -0.81 -23.27 -21.01
N ASP E 61 -0.04 -23.92 -20.14
CA ASP E 61 0.24 -25.35 -20.25
C ASP E 61 0.91 -25.79 -18.98
N MET E 62 0.30 -26.73 -18.25
CA MET E 62 0.68 -26.99 -16.86
C MET E 62 2.15 -27.38 -16.71
N ASP E 63 2.63 -28.29 -17.54
CA ASP E 63 4.01 -28.80 -17.43
C ASP E 63 5.04 -27.72 -17.77
N LYS E 64 4.71 -26.83 -18.71
CA LYS E 64 5.50 -25.62 -18.98
C LYS E 64 5.67 -24.76 -17.72
N VAL E 65 4.55 -24.46 -17.06
CA VAL E 65 4.56 -23.56 -15.91
C VAL E 65 5.34 -24.22 -14.76
N LEU E 66 5.08 -25.50 -14.52
CA LEU E 66 5.74 -26.26 -13.44
C LEU E 66 7.24 -26.41 -13.66
N LEU E 67 7.65 -26.52 -14.92
CA LEU E 67 9.08 -26.59 -15.24
C LEU E 67 9.75 -25.27 -14.87
N LYS E 68 9.13 -24.17 -15.33
CA LYS E 68 9.58 -22.81 -15.02
C LYS E 68 9.71 -22.59 -13.51
N TYR E 69 8.74 -23.11 -12.78
CA TYR E 69 8.73 -23.07 -11.32
C TYR E 69 9.95 -23.75 -10.72
N THR E 70 10.10 -25.03 -11.03
CA THR E 70 11.15 -25.88 -10.41
C THR E 70 12.56 -25.37 -10.69
N GLU E 71 12.73 -24.60 -11.76
CA GLU E 71 14.04 -24.02 -12.09
C GLU E 71 14.26 -22.63 -11.48
N TYR E 72 13.17 -21.91 -11.20
CA TYR E 72 13.26 -20.60 -10.53
C TYR E 72 13.98 -20.77 -9.17
N SER E 73 15.13 -20.12 -9.00
CA SER E 73 15.96 -20.35 -7.81
C SER E 73 16.26 -19.07 -7.00
N GLU E 74 15.35 -18.10 -7.04
CA GLU E 74 15.54 -16.82 -6.35
C GLU E 74 14.50 -16.68 -5.24
N PRO E 75 14.74 -15.78 -4.27
CA PRO E 75 13.67 -15.48 -3.30
C PRO E 75 12.43 -14.93 -4.03
N HIS E 76 11.25 -15.17 -3.46
CA HIS E 76 10.00 -14.69 -4.06
C HIS E 76 8.84 -14.66 -3.05
N GLU E 77 7.73 -14.03 -3.43
CA GLU E 77 6.55 -14.05 -2.61
C GLU E 77 6.03 -15.46 -2.48
N SER E 78 5.89 -15.90 -1.23
CA SER E 78 5.36 -17.21 -0.89
C SER E 78 4.35 -17.05 0.20
N ARG E 79 3.18 -17.65 0.03
CA ARG E 79 2.17 -17.64 1.05
C ARG E 79 1.79 -19.03 1.44
N THR E 80 1.22 -19.11 2.62
CA THR E 80 0.82 -20.38 3.20
C THR E 80 -0.28 -20.11 4.21
N ASN E 81 -0.74 -21.19 4.79
CA ASN E 81 -1.74 -21.15 5.83
C ASN E 81 -1.00 -21.37 7.13
N THR E 82 -1.24 -20.51 8.11
CA THR E 82 -0.76 -20.80 9.48
C THR E 82 -1.91 -20.82 10.53
N VAL E 83 -1.92 -21.84 11.37
CA VAL E 83 -2.89 -22.00 12.45
C VAL E 83 -2.44 -21.22 13.68
N ILE E 84 -3.36 -20.45 14.25
CA ILE E 84 -3.11 -19.58 15.42
C ILE E 84 -4.02 -20.09 16.55
N LEU E 85 -3.57 -20.02 17.81
CA LEU E 85 -4.49 -20.22 18.96
C LEU E 85 -5.18 -18.89 19.22
N GLU E 86 -6.47 -18.94 19.54
CA GLU E 86 -7.37 -17.79 19.62
C GLU E 86 -8.61 -18.19 20.39
N THR E 87 -9.10 -17.31 21.28
CA THR E 87 -10.37 -17.50 21.97
C THR E 87 -11.48 -16.90 21.08
N LEU E 88 -12.65 -17.51 21.03
CA LEU E 88 -13.41 -17.57 19.76
C LEU E 88 -13.95 -16.21 19.26
N LYS E 89 -14.17 -16.17 17.96
CA LYS E 89 -14.76 -15.03 17.26
C LYS E 89 -16.19 -15.52 16.91
N ARG E 90 -16.88 -16.21 17.84
CA ARG E 90 -18.08 -17.03 17.50
C ARG E 90 -19.23 -16.79 18.48
N GLY F 2 -16.45 -3.16 -10.70
CA GLY F 2 -16.19 -1.97 -9.81
C GLY F 2 -17.07 -0.77 -10.15
N ARG F 3 -16.46 0.41 -10.23
CA ARG F 3 -17.10 1.64 -10.75
C ARG F 3 -17.61 1.48 -12.20
N LYS F 4 -17.00 0.57 -12.96
CA LYS F 4 -17.53 0.15 -14.25
C LYS F 4 -17.40 -1.36 -14.36
N LYS F 5 -18.28 -1.97 -15.15
CA LYS F 5 -18.00 -3.33 -15.61
C LYS F 5 -16.84 -3.21 -16.58
N ILE F 6 -15.89 -4.13 -16.56
CA ILE F 6 -14.81 -4.13 -17.54
C ILE F 6 -14.77 -5.45 -18.29
N GLN F 7 -14.34 -5.35 -19.55
CA GLN F 7 -14.03 -6.48 -20.40
C GLN F 7 -12.84 -7.21 -19.85
N ILE F 8 -12.74 -8.51 -20.17
CA ILE F 8 -11.60 -9.36 -19.79
C ILE F 8 -10.67 -9.47 -21.00
N THR F 9 -9.90 -8.42 -21.21
CA THR F 9 -8.80 -8.40 -22.17
C THR F 9 -7.69 -7.53 -21.58
N ARG F 10 -6.51 -7.67 -22.15
CA ARG F 10 -5.31 -7.17 -21.55
C ARG F 10 -5.38 -5.68 -21.34
N ILE F 11 -5.14 -5.27 -20.09
CA ILE F 11 -5.04 -3.86 -19.73
C ILE F 11 -3.85 -3.25 -20.46
N MET F 12 -4.08 -2.13 -21.12
CA MET F 12 -3.06 -1.53 -21.99
C MET F 12 -2.13 -0.60 -21.22
N ASP F 13 -2.69 0.24 -20.35
CA ASP F 13 -1.85 1.08 -19.49
C ASP F 13 -0.99 0.23 -18.56
N GLU F 14 0.32 0.46 -18.64
CA GLU F 14 1.31 -0.32 -17.91
C GLU F 14 1.09 -0.30 -16.41
N ARG F 15 0.99 0.90 -15.86
CA ARG F 15 0.89 1.08 -14.41
C ARG F 15 -0.45 0.64 -13.86
N ASN F 16 -1.50 0.85 -14.64
CA ASN F 16 -2.81 0.25 -14.35
C ASN F 16 -2.71 -1.27 -14.32
N ARG F 17 -2.03 -1.86 -15.31
CA ARG F 17 -1.89 -3.32 -15.34
C ARG F 17 -1.19 -3.85 -14.10
N GLN F 18 -0.19 -3.11 -13.63
CA GLN F 18 0.59 -3.49 -12.47
C GLN F 18 -0.22 -3.41 -11.17
N VAL F 19 -0.99 -2.34 -10.97
CA VAL F 19 -1.88 -2.23 -9.82
C VAL F 19 -2.97 -3.30 -9.83
N THR F 20 -3.66 -3.43 -10.96
CA THR F 20 -4.68 -4.46 -11.12
C THR F 20 -4.10 -5.82 -10.76
N PHE F 21 -2.91 -6.12 -11.30
CA PHE F 21 -2.20 -7.35 -10.98
C PHE F 21 -2.06 -7.56 -9.49
N THR F 22 -1.54 -6.55 -8.81
CA THR F 22 -1.20 -6.72 -7.38
C THR F 22 -2.44 -6.99 -6.54
N LYS F 23 -3.50 -6.23 -6.77
CA LYS F 23 -4.74 -6.38 -5.98
C LYS F 23 -5.47 -7.69 -6.32
N ARG F 24 -5.64 -7.98 -7.60
CA ARG F 24 -6.35 -9.19 -8.00
C ARG F 24 -5.64 -10.46 -7.54
N LYS F 25 -4.31 -10.45 -7.60
CA LYS F 25 -3.48 -11.53 -7.08
C LYS F 25 -3.70 -11.78 -5.59
N PHE F 26 -3.75 -10.72 -4.78
CA PHE F 26 -4.10 -10.88 -3.37
C PHE F 26 -5.48 -11.49 -3.21
N GLY F 27 -6.45 -11.00 -3.97
CA GLY F 27 -7.82 -11.51 -3.93
C GLY F 27 -7.93 -12.97 -4.29
N LEU F 28 -7.08 -13.38 -5.22
CA LEU F 28 -7.05 -14.74 -5.72
C LEU F 28 -6.40 -15.72 -4.72
N MET F 29 -5.31 -15.29 -4.11
CA MET F 29 -4.68 -16.06 -3.03
C MET F 29 -5.64 -16.11 -1.85
N LYS F 30 -6.31 -15.01 -1.58
CA LYS F 30 -7.33 -14.97 -0.52
C LYS F 30 -8.45 -15.99 -0.73
N LYS F 31 -9.03 -16.02 -1.94
CA LYS F 31 -10.04 -17.02 -2.27
C LYS F 31 -9.53 -18.45 -2.23
N ALA F 32 -8.24 -18.62 -2.56
CA ALA F 32 -7.58 -19.94 -2.49
C ALA F 32 -7.49 -20.41 -1.04
N TYR F 33 -6.90 -19.58 -0.20
CA TYR F 33 -6.86 -19.80 1.26
C TYR F 33 -8.25 -20.17 1.80
N GLU F 34 -9.27 -19.41 1.46
CA GLU F 34 -10.62 -19.68 1.98
C GLU F 34 -11.14 -21.03 1.50
N LEU F 35 -10.98 -21.33 0.22
CA LEU F 35 -11.34 -22.66 -0.28
C LEU F 35 -10.64 -23.80 0.50
N SER F 36 -9.33 -23.69 0.70
CA SER F 36 -8.55 -24.73 1.40
C SER F 36 -9.04 -24.94 2.83
N VAL F 37 -9.31 -23.85 3.55
CA VAL F 37 -9.81 -23.92 4.92
C VAL F 37 -11.22 -24.48 4.94
N LEU F 38 -12.14 -23.80 4.27
CA LEU F 38 -13.57 -24.15 4.29
C LEU F 38 -13.84 -25.62 3.92
N CYS F 39 -13.21 -26.07 2.84
CA CYS F 39 -13.47 -27.41 2.27
C CYS F 39 -12.37 -28.45 2.53
N ASP F 40 -11.41 -28.11 3.40
CA ASP F 40 -10.36 -29.01 3.83
C ASP F 40 -9.65 -29.64 2.63
N CYS F 41 -9.11 -28.79 1.75
CA CYS F 41 -8.38 -29.26 0.58
C CYS F 41 -7.02 -28.59 0.44
N GLU F 42 -6.15 -29.18 -0.36
CA GLU F 42 -4.75 -28.75 -0.58
C GLU F 42 -4.57 -28.01 -1.91
N ILE F 43 -4.21 -26.74 -1.83
CA ILE F 43 -4.06 -25.90 -3.00
C ILE F 43 -2.61 -25.45 -3.20
N ALA F 44 -2.23 -25.34 -4.47
CA ALA F 44 -0.95 -24.76 -4.86
C ALA F 44 -1.25 -23.86 -6.04
N LEU F 45 -0.76 -22.63 -5.98
CA LEU F 45 -1.11 -21.60 -6.92
C LEU F 45 0.16 -20.85 -7.29
N ILE F 46 0.63 -21.07 -8.51
CA ILE F 46 1.84 -20.45 -9.02
C ILE F 46 1.46 -19.39 -10.03
N ILE F 47 1.94 -18.17 -9.85
CA ILE F 47 1.69 -17.07 -10.79
C ILE F 47 3.03 -16.50 -11.25
N PHE F 48 3.19 -16.37 -12.56
CA PHE F 48 4.31 -15.67 -13.14
C PHE F 48 3.76 -14.44 -13.82
N ASN F 49 4.16 -13.26 -13.37
CA ASN F 49 3.78 -12.00 -14.06
C ASN F 49 4.43 -11.95 -15.44
N SER F 50 3.96 -11.01 -16.27
CA SER F 50 4.47 -10.85 -17.64
C SER F 50 6.01 -10.75 -17.71
N SER F 51 6.66 -10.17 -16.69
CA SER F 51 8.15 -10.11 -16.56
C SER F 51 8.85 -11.39 -16.03
N ASN F 52 8.12 -12.50 -15.95
CA ASN F 52 8.62 -13.78 -15.39
C ASN F 52 9.08 -13.77 -13.93
N LYS F 53 8.50 -12.88 -13.12
CA LYS F 53 8.71 -12.92 -11.67
C LYS F 53 7.61 -13.76 -11.03
N LEU F 54 7.99 -14.54 -10.02
CA LEU F 54 7.13 -15.58 -9.47
C LEU F 54 6.47 -15.11 -8.19
N PHE F 55 5.23 -15.54 -7.98
CA PHE F 55 4.47 -15.31 -6.74
C PHE F 55 3.68 -16.58 -6.50
N GLN F 56 3.67 -17.06 -5.26
CA GLN F 56 3.04 -18.36 -4.98
C GLN F 56 2.22 -18.43 -3.70
N TYR F 57 1.25 -19.33 -3.71
CA TYR F 57 0.47 -19.69 -2.53
C TYR F 57 0.43 -21.21 -2.47
N ALA F 58 0.57 -21.77 -1.28
CA ALA F 58 0.29 -23.17 -1.10
C ALA F 58 -0.22 -23.38 0.32
N SER F 59 -1.34 -24.07 0.47
CA SER F 59 -1.93 -24.26 1.79
C SER F 59 -0.95 -24.97 2.72
N THR F 60 -0.66 -26.22 2.40
CA THR F 60 0.29 -27.03 3.17
C THR F 60 1.74 -26.67 2.89
N ASP F 61 2.25 -27.03 1.71
CA ASP F 61 3.68 -27.01 1.44
C ASP F 61 3.88 -27.30 -0.04
N MET F 62 4.50 -26.36 -0.76
CA MET F 62 4.44 -26.39 -2.23
C MET F 62 4.99 -27.67 -2.83
N ASP F 63 6.15 -28.10 -2.36
CA ASP F 63 6.82 -29.29 -2.92
C ASP F 63 6.04 -30.58 -2.63
N LYS F 64 5.39 -30.64 -1.47
CA LYS F 64 4.44 -31.71 -1.15
C LYS F 64 3.32 -31.78 -2.19
N VAL F 65 2.67 -30.65 -2.46
CA VAL F 65 1.53 -30.62 -3.36
C VAL F 65 1.96 -30.97 -4.78
N LEU F 66 3.08 -30.40 -5.21
CA LEU F 66 3.62 -30.66 -6.57
C LEU F 66 4.06 -32.09 -6.78
N LEU F 67 4.56 -32.73 -5.71
CA LEU F 67 4.92 -34.13 -5.78
C LEU F 67 3.66 -34.98 -6.01
N LYS F 68 2.66 -34.72 -5.18
CA LYS F 68 1.34 -35.36 -5.29
C LYS F 68 0.74 -35.23 -6.70
N TYR F 69 0.91 -34.04 -7.26
CA TYR F 69 0.47 -33.72 -8.63
C TYR F 69 1.16 -34.64 -9.65
N THR F 70 2.49 -34.59 -9.68
CA THR F 70 3.28 -35.28 -10.70
C THR F 70 3.09 -36.80 -10.67
N GLU F 71 2.66 -37.33 -9.54
CA GLU F 71 2.39 -38.76 -9.40
C GLU F 71 0.94 -39.15 -9.72
N TYR F 72 0.01 -38.19 -9.58
CA TYR F 72 -1.41 -38.41 -9.89
C TYR F 72 -1.57 -38.89 -11.33
N SER F 73 -2.09 -40.11 -11.53
CA SER F 73 -2.13 -40.75 -12.85
C SER F 73 -3.55 -41.13 -13.32
N GLU F 74 -4.56 -40.38 -12.86
CA GLU F 74 -5.95 -40.63 -13.28
C GLU F 74 -6.45 -39.47 -14.11
N PRO F 75 -7.50 -39.69 -14.93
CA PRO F 75 -8.13 -38.54 -15.60
C PRO F 75 -8.67 -37.54 -14.56
N HIS F 76 -8.70 -36.26 -14.88
CA HIS F 76 -9.18 -35.24 -13.94
C HIS F 76 -9.59 -33.95 -14.62
N GLU F 77 -10.34 -33.12 -13.89
CA GLU F 77 -10.81 -31.86 -14.45
C GLU F 77 -9.60 -30.96 -14.64
N SER F 78 -9.42 -30.50 -15.87
CA SER F 78 -8.33 -29.59 -16.22
C SER F 78 -8.89 -28.51 -17.10
N ARG F 79 -8.63 -27.27 -16.73
CA ARG F 79 -9.07 -26.15 -17.53
C ARG F 79 -7.91 -25.28 -17.88
N THR F 80 -8.16 -24.47 -18.89
CA THR F 80 -7.10 -23.73 -19.57
C THR F 80 -7.73 -22.53 -20.23
N ASN F 81 -6.89 -21.78 -20.92
CA ASN F 81 -7.31 -20.62 -21.68
C ASN F 81 -7.34 -21.04 -23.13
N THR F 82 -8.47 -20.78 -23.79
CA THR F 82 -8.54 -20.99 -25.25
C THR F 82 -8.97 -19.70 -26.01
N VAL F 83 -8.20 -19.35 -27.05
CA VAL F 83 -8.40 -18.13 -27.81
C VAL F 83 -9.45 -18.36 -28.90
N ILE F 84 -10.41 -17.43 -28.99
CA ILE F 84 -11.55 -17.50 -29.89
C ILE F 84 -11.46 -16.27 -30.85
N LEU F 85 -11.92 -16.41 -32.09
CA LEU F 85 -12.12 -15.27 -32.98
C LEU F 85 -13.45 -14.64 -32.65
N GLU F 86 -13.52 -13.29 -32.66
CA GLU F 86 -14.61 -12.55 -31.99
C GLU F 86 -14.94 -11.28 -32.77
N THR F 87 -16.23 -10.97 -32.88
CA THR F 87 -16.70 -9.68 -33.43
C THR F 87 -16.83 -8.71 -32.28
N LEU F 88 -16.48 -7.44 -32.47
CA LEU F 88 -16.93 -6.34 -31.59
C LEU F 88 -18.26 -5.80 -32.11
N LYS F 89 -18.82 -4.74 -31.48
CA LYS F 89 -19.90 -3.92 -32.09
C LYS F 89 -20.39 -2.61 -31.38
N ARG F 90 -19.47 -1.71 -31.01
CA ARG F 90 -19.83 -0.42 -30.35
C ARG F 90 -19.19 0.81 -31.03
#